data_1XMS
#
_entry.id   1XMS
#
_cell.length_a   100.700
_cell.length_b   100.700
_cell.length_c   81.900
_cell.angle_alpha   90.00
_cell.angle_beta   90.00
_cell.angle_gamma   120.00
#
_symmetry.space_group_name_H-M   'P 61'
#
loop_
_entity.id
_entity.type
_entity.pdbx_description
1 polymer 'RecA protein'
2 non-polymer 'MANGANESE (II) ION'
3 non-polymer 'PHOSPHOAMINOPHOSPHONIC ACID-ADENYLATE ESTER'
4 water water
#
_entity_poly.entity_id   1
_entity_poly.type   'polypeptide(L)'
_entity_poly.pdbx_seq_one_letter_code
;GSHMAIDENKQKALAAALGQIEKQFGKGSIMRLGEDRSMDVETISTGSLSLDIALGAGGLPMGRIVEIYGPESSGKTTLT
LQVIAAAQREGKTCAFIDAEHALDPIYARKLGVDIDNLLCSQPDTGEQALEICDALARSGAVDVIVVDSVAALTPKAEIE
GEIGDSHMGLAARMMSQAMRKLAGNLKQSNTLLIFINQIRMKIGVMFGNPETTTGGNALKFYASVRLDIRRIGAVKEGEN
VVGSETRVKVVKNKIAAPFKQAEFQILYGEGINFYGELVDLGVKEKLIEKAGAWYSYKGEKIGQGKANATAWLKDNPETA
KEIEKKVRELLLSNPNSTPDFSVDDSEGVAETNEDF
;
_entity_poly.pdbx_strand_id   A
#
# COMPACT_ATOMS: atom_id res chain seq x y z
N ASP A 7 26.49 27.71 -15.54
CA ASP A 7 25.93 27.44 -14.19
C ASP A 7 24.42 27.73 -14.13
N GLU A 8 24.07 29.00 -13.92
CA GLU A 8 22.66 29.39 -13.86
C GLU A 8 21.95 28.97 -15.14
N ASN A 9 22.53 29.34 -16.28
CA ASN A 9 21.94 28.99 -17.56
C ASN A 9 21.87 27.48 -17.69
N LYS A 10 22.68 26.77 -16.90
CA LYS A 10 22.68 25.32 -16.92
C LYS A 10 21.51 24.85 -16.05
N GLN A 11 21.21 25.60 -15.00
CA GLN A 11 20.09 25.27 -14.12
C GLN A 11 18.80 25.43 -14.92
N LYS A 12 18.76 26.50 -15.70
CA LYS A 12 17.60 26.81 -16.52
C LYS A 12 17.49 25.80 -17.66
N ALA A 13 18.63 25.35 -18.17
CA ALA A 13 18.63 24.38 -19.25
C ALA A 13 18.09 23.06 -18.69
N LEU A 14 18.55 22.71 -17.50
CA LEU A 14 18.10 21.48 -16.85
C LEU A 14 16.59 21.55 -16.59
N ALA A 15 16.16 22.63 -15.95
CA ALA A 15 14.73 22.81 -15.64
C ALA A 15 13.87 22.71 -16.89
N ALA A 16 14.31 23.32 -17.98
CA ALA A 16 13.54 23.26 -19.22
C ALA A 16 13.49 21.84 -19.77
N ALA A 17 14.63 21.15 -19.72
CA ALA A 17 14.71 19.78 -20.20
C ALA A 17 13.79 18.87 -19.38
N LEU A 18 13.87 18.99 -18.07
CA LEU A 18 13.02 18.17 -17.19
C LEU A 18 11.57 18.54 -17.48
N GLY A 19 11.33 19.82 -17.69
CA GLY A 19 9.98 20.29 -17.98
C GLY A 19 9.43 19.71 -19.27
N GLN A 20 10.25 19.69 -20.32
CA GLN A 20 9.83 19.15 -21.60
C GLN A 20 9.57 17.65 -21.48
N ILE A 21 10.43 16.97 -20.74
CA ILE A 21 10.28 15.54 -20.54
C ILE A 21 8.95 15.29 -19.84
N GLU A 22 8.71 15.99 -18.73
CA GLU A 22 7.47 15.84 -17.98
C GLU A 22 6.26 16.16 -18.86
N LYS A 23 6.39 17.18 -19.70
CA LYS A 23 5.29 17.57 -20.58
C LYS A 23 4.94 16.46 -21.58
N GLN A 24 5.96 15.77 -22.06
CA GLN A 24 5.77 14.72 -23.05
C GLN A 24 5.33 13.37 -22.47
N PHE A 25 5.93 12.96 -21.36
CA PHE A 25 5.61 11.66 -20.78
C PHE A 25 4.87 11.72 -19.45
N GLY A 26 4.53 12.93 -19.00
CA GLY A 26 3.81 13.09 -17.76
C GLY A 26 4.69 13.32 -16.55
N LYS A 27 4.13 13.97 -15.53
CA LYS A 27 4.89 14.21 -14.31
C LYS A 27 5.18 12.80 -13.81
N GLY A 28 6.30 12.62 -13.14
CA GLY A 28 6.62 11.29 -12.65
C GLY A 28 7.46 10.51 -13.65
N SER A 29 7.64 11.03 -14.86
CA SER A 29 8.46 10.34 -15.85
C SER A 29 9.94 10.58 -15.52
N ILE A 30 10.20 11.56 -14.67
CA ILE A 30 11.57 11.83 -14.22
C ILE A 30 11.50 12.71 -12.99
N MET A 31 12.39 12.44 -12.02
CA MET A 31 12.41 13.24 -10.80
C MET A 31 13.67 13.06 -9.99
N ARG A 32 13.91 13.97 -9.06
CA ARG A 32 15.07 13.88 -8.18
C ARG A 32 14.62 13.01 -7.02
N LEU A 33 15.45 12.06 -6.62
CA LEU A 33 15.06 11.17 -5.54
C LEU A 33 14.85 11.88 -4.21
N GLY A 34 15.42 13.07 -4.05
CA GLY A 34 15.27 13.78 -2.79
C GLY A 34 14.22 14.88 -2.80
N GLU A 35 13.51 15.04 -3.91
CA GLU A 35 12.49 16.08 -4.02
C GLU A 35 11.27 15.82 -3.13
N ASP A 36 10.68 16.90 -2.61
CA ASP A 36 9.51 16.80 -1.74
C ASP A 36 8.24 16.64 -2.56
N ARG A 37 8.22 17.24 -3.74
CA ARG A 37 7.06 17.19 -4.61
C ARG A 37 6.49 15.78 -4.79
N SER A 38 5.17 15.71 -4.84
CA SER A 38 4.45 14.47 -5.05
C SER A 38 3.26 14.80 -5.92
N MET A 39 3.02 13.98 -6.94
CA MET A 39 1.89 14.22 -7.82
C MET A 39 0.63 14.32 -6.97
N ASP A 40 -0.22 15.28 -7.33
CA ASP A 40 -1.47 15.49 -6.62
C ASP A 40 -2.43 14.38 -7.06
N VAL A 41 -2.67 13.41 -6.18
CA VAL A 41 -3.57 12.30 -6.50
C VAL A 41 -4.35 11.82 -5.29
N GLU A 42 -5.53 11.27 -5.55
CA GLU A 42 -6.36 10.73 -4.49
C GLU A 42 -5.65 9.44 -4.08
N THR A 43 -5.54 9.22 -2.77
CA THR A 43 -4.88 8.03 -2.29
C THR A 43 -5.75 7.29 -1.29
N ILE A 44 -5.36 6.06 -0.99
CA ILE A 44 -6.08 5.21 -0.04
C ILE A 44 -4.98 4.68 0.87
N SER A 45 -5.12 4.91 2.17
CA SER A 45 -4.09 4.44 3.09
C SER A 45 -3.88 2.93 3.00
N THR A 46 -2.63 2.52 3.23
CA THR A 46 -2.28 1.10 3.21
C THR A 46 -2.43 0.52 4.61
N GLY A 47 -2.78 1.37 5.57
CA GLY A 47 -2.92 0.90 6.95
C GLY A 47 -1.60 1.01 7.70
N SER A 48 -0.53 1.29 6.96
CA SER A 48 0.81 1.45 7.54
C SER A 48 1.25 2.89 7.37
N LEU A 49 1.54 3.54 8.49
CA LEU A 49 1.98 4.94 8.46
C LEU A 49 3.32 5.11 7.75
N SER A 50 4.30 4.26 8.05
CA SER A 50 5.59 4.40 7.40
C SER A 50 5.54 4.06 5.91
N LEU A 51 4.61 3.20 5.50
CA LEU A 51 4.49 2.88 4.08
C LEU A 51 3.76 4.00 3.33
N ASP A 52 2.73 4.59 3.94
CA ASP A 52 2.02 5.70 3.29
C ASP A 52 3.03 6.82 3.06
N ILE A 53 3.97 6.96 3.98
CA ILE A 53 4.99 7.99 3.86
C ILE A 53 6.01 7.58 2.80
N ALA A 54 6.46 6.34 2.84
CA ALA A 54 7.43 5.85 1.85
C ALA A 54 6.86 6.06 0.45
N LEU A 55 5.53 5.96 0.33
CA LEU A 55 4.87 6.14 -0.95
C LEU A 55 4.87 7.58 -1.43
N GLY A 56 5.20 8.52 -0.54
CA GLY A 56 5.23 9.92 -0.93
C GLY A 56 3.88 10.62 -1.04
N ALA A 57 2.85 9.93 -1.50
CA ALA A 57 1.53 10.56 -1.63
C ALA A 57 0.62 10.26 -0.44
N GLY A 58 1.11 9.49 0.52
CA GLY A 58 0.31 9.19 1.69
C GLY A 58 -0.55 7.94 1.57
N GLY A 59 -0.45 7.25 0.44
CA GLY A 59 -1.21 6.03 0.22
C GLY A 59 -1.10 5.60 -1.23
N LEU A 60 -1.87 4.58 -1.62
CA LEU A 60 -1.85 4.08 -2.99
C LEU A 60 -2.75 4.96 -3.88
N PRO A 61 -2.32 5.23 -5.12
CA PRO A 61 -3.05 6.06 -6.08
C PRO A 61 -4.31 5.45 -6.72
N MET A 62 -5.39 6.23 -6.73
CA MET A 62 -6.65 5.80 -7.34
C MET A 62 -6.48 5.83 -8.86
N GLY A 63 -7.21 4.98 -9.57
CA GLY A 63 -7.12 4.96 -11.02
C GLY A 63 -5.86 4.36 -11.62
N ARG A 64 -4.97 3.85 -10.77
CA ARG A 64 -3.73 3.25 -11.22
C ARG A 64 -3.63 1.77 -10.86
N ILE A 65 -2.68 1.08 -11.49
CA ILE A 65 -2.44 -0.32 -11.22
C ILE A 65 -1.28 -0.41 -10.23
N VAL A 66 -1.41 -1.28 -9.24
CA VAL A 66 -0.36 -1.46 -8.25
C VAL A 66 -0.03 -2.95 -8.11
N GLU A 67 1.25 -3.26 -7.95
CA GLU A 67 1.67 -4.64 -7.76
C GLU A 67 2.32 -4.75 -6.40
N ILE A 68 2.01 -5.84 -5.70
CA ILE A 68 2.60 -6.10 -4.40
C ILE A 68 3.08 -7.55 -4.47
N TYR A 69 4.38 -7.75 -4.35
CA TYR A 69 4.92 -9.10 -4.42
C TYR A 69 5.87 -9.37 -3.27
N GLY A 70 6.03 -10.65 -2.96
CA GLY A 70 6.91 -11.05 -1.89
C GLY A 70 6.77 -12.53 -1.63
N PRO A 71 7.66 -13.11 -0.81
CA PRO A 71 7.63 -14.53 -0.48
C PRO A 71 6.34 -14.88 0.23
N GLU A 72 6.12 -16.17 0.43
CA GLU A 72 4.95 -16.65 1.14
C GLU A 72 5.02 -16.16 2.58
N SER A 73 3.87 -15.80 3.15
CA SER A 73 3.79 -15.33 4.53
C SER A 73 4.51 -14.01 4.78
N SER A 74 4.70 -13.22 3.73
CA SER A 74 5.38 -11.95 3.88
C SER A 74 4.44 -10.84 4.35
N GLY A 75 3.14 -11.06 4.17
CA GLY A 75 2.13 -10.09 4.58
C GLY A 75 1.36 -9.40 3.46
N LYS A 76 1.48 -9.93 2.25
CA LYS A 76 0.81 -9.34 1.09
C LYS A 76 -0.70 -9.17 1.25
N THR A 77 -1.38 -10.24 1.67
CA THR A 77 -2.82 -10.22 1.85
C THR A 77 -3.25 -9.28 2.97
N THR A 78 -2.56 -9.36 4.11
CA THR A 78 -2.88 -8.49 5.23
C THR A 78 -2.86 -7.04 4.76
N LEU A 79 -1.83 -6.71 3.99
CA LEU A 79 -1.66 -5.36 3.47
C LEU A 79 -2.86 -4.96 2.60
N THR A 80 -3.22 -5.83 1.65
CA THR A 80 -4.35 -5.52 0.78
C THR A 80 -5.67 -5.43 1.55
N LEU A 81 -5.83 -6.26 2.58
CA LEU A 81 -7.03 -6.25 3.38
C LEU A 81 -7.14 -4.94 4.15
N GLN A 82 -5.99 -4.39 4.55
CA GLN A 82 -5.99 -3.12 5.25
C GLN A 82 -6.32 -2.00 4.27
N VAL A 83 -5.93 -2.18 3.01
CA VAL A 83 -6.23 -1.17 2.00
C VAL A 83 -7.75 -1.14 1.80
N ILE A 84 -8.34 -2.33 1.72
CA ILE A 84 -9.78 -2.47 1.53
C ILE A 84 -10.55 -1.85 2.70
N ALA A 85 -10.14 -2.19 3.92
CA ALA A 85 -10.80 -1.64 5.12
C ALA A 85 -10.73 -0.11 5.10
N ALA A 86 -9.58 0.44 4.75
CA ALA A 86 -9.39 1.89 4.71
C ALA A 86 -10.30 2.52 3.66
N ALA A 87 -10.44 1.84 2.53
CA ALA A 87 -11.29 2.33 1.46
C ALA A 87 -12.75 2.28 1.88
N GLN A 88 -13.14 1.16 2.48
CA GLN A 88 -14.51 0.97 2.93
C GLN A 88 -14.87 1.94 4.05
N ARG A 89 -13.86 2.37 4.81
CA ARG A 89 -14.08 3.30 5.91
C ARG A 89 -14.54 4.64 5.33
N GLU A 90 -14.18 4.89 4.07
CA GLU A 90 -14.57 6.12 3.40
C GLU A 90 -15.77 5.90 2.49
N GLY A 91 -16.45 4.77 2.65
CA GLY A 91 -17.62 4.48 1.84
C GLY A 91 -17.35 3.98 0.43
N LYS A 92 -16.12 3.61 0.14
CA LYS A 92 -15.79 3.12 -1.20
C LYS A 92 -16.18 1.66 -1.41
N THR A 93 -16.57 1.35 -2.65
CA THR A 93 -16.96 -0.01 -3.03
C THR A 93 -15.74 -0.83 -3.45
N CYS A 94 -15.52 -1.96 -2.79
CA CYS A 94 -14.36 -2.79 -3.11
C CYS A 94 -14.70 -4.17 -3.63
N ALA A 95 -13.82 -4.69 -4.49
CA ALA A 95 -14.00 -6.02 -5.06
C ALA A 95 -12.75 -6.85 -4.81
N PHE A 96 -12.95 -8.16 -4.62
CA PHE A 96 -11.87 -9.11 -4.38
C PHE A 96 -11.94 -10.23 -5.42
N ILE A 97 -10.98 -10.25 -6.33
CA ILE A 97 -10.93 -11.28 -7.37
C ILE A 97 -9.97 -12.34 -6.84
N ASP A 98 -10.52 -13.49 -6.48
CA ASP A 98 -9.75 -14.54 -5.87
C ASP A 98 -9.46 -15.81 -6.65
N ALA A 99 -8.18 -16.15 -6.72
CA ALA A 99 -7.71 -17.37 -7.39
C ALA A 99 -6.89 -18.20 -6.40
N GLU A 100 -6.81 -17.74 -5.15
CA GLU A 100 -6.05 -18.42 -4.10
C GLU A 100 -6.95 -19.24 -3.20
N HIS A 101 -8.19 -18.77 -3.01
CA HIS A 101 -9.16 -19.47 -2.18
C HIS A 101 -8.64 -19.61 -0.75
N ALA A 102 -8.20 -18.51 -0.16
CA ALA A 102 -7.66 -18.56 1.20
C ALA A 102 -8.11 -17.42 2.14
N LEU A 103 -9.00 -16.55 1.67
CA LEU A 103 -9.48 -15.44 2.49
C LEU A 103 -10.10 -15.88 3.80
N ASP A 104 -9.67 -15.28 4.91
CA ASP A 104 -10.20 -15.58 6.23
C ASP A 104 -11.04 -14.37 6.67
N PRO A 105 -12.37 -14.46 6.53
CA PRO A 105 -13.25 -13.36 6.92
C PRO A 105 -13.17 -12.93 8.38
N ILE A 106 -12.85 -13.85 9.27
CA ILE A 106 -12.74 -13.53 10.69
C ILE A 106 -11.55 -12.57 10.85
N TYR A 107 -10.41 -12.94 10.28
CA TYR A 107 -9.23 -12.08 10.35
C TYR A 107 -9.50 -10.74 9.65
N ALA A 108 -10.22 -10.81 8.52
CA ALA A 108 -10.54 -9.62 7.75
C ALA A 108 -11.37 -8.61 8.53
N ARG A 109 -12.37 -9.09 9.27
CA ARG A 109 -13.20 -8.18 10.06
C ARG A 109 -12.36 -7.56 11.14
N LYS A 110 -11.45 -8.33 11.71
CA LYS A 110 -10.58 -7.80 12.75
C LYS A 110 -9.78 -6.62 12.22
N LEU A 111 -9.43 -6.67 10.93
CA LEU A 111 -8.67 -5.59 10.32
C LEU A 111 -9.56 -4.43 9.88
N GLY A 112 -10.86 -4.56 10.10
CA GLY A 112 -11.77 -3.49 9.74
C GLY A 112 -12.54 -3.70 8.45
N VAL A 113 -12.28 -4.80 7.76
CA VAL A 113 -12.98 -5.06 6.50
C VAL A 113 -14.46 -5.34 6.69
N ASP A 114 -15.27 -4.68 5.87
CA ASP A 114 -16.71 -4.88 5.88
C ASP A 114 -16.95 -6.02 4.88
N ILE A 115 -16.89 -7.25 5.38
CA ILE A 115 -17.06 -8.45 4.57
C ILE A 115 -18.41 -8.51 3.83
N ASP A 116 -19.50 -8.24 4.54
CA ASP A 116 -20.82 -8.30 3.93
C ASP A 116 -20.96 -7.52 2.63
N ASN A 117 -20.29 -6.38 2.54
CA ASN A 117 -20.38 -5.57 1.34
C ASN A 117 -19.19 -5.68 0.39
N LEU A 118 -18.29 -6.62 0.66
CA LEU A 118 -17.14 -6.81 -0.21
C LEU A 118 -17.57 -7.67 -1.39
N LEU A 119 -17.37 -7.18 -2.62
CA LEU A 119 -17.73 -7.99 -3.77
C LEU A 119 -16.65 -9.05 -3.92
N CYS A 120 -17.02 -10.23 -4.37
CA CYS A 120 -16.03 -11.29 -4.54
C CYS A 120 -16.28 -12.14 -5.77
N SER A 121 -15.20 -12.52 -6.41
CA SER A 121 -15.28 -13.35 -7.61
C SER A 121 -14.18 -14.41 -7.55
N GLN A 122 -14.52 -15.64 -7.92
CA GLN A 122 -13.57 -16.74 -7.94
C GLN A 122 -13.62 -17.32 -9.34
N PRO A 123 -13.05 -16.58 -10.32
CA PRO A 123 -12.99 -16.93 -11.74
C PRO A 123 -12.42 -18.29 -12.14
N ASP A 124 -12.92 -18.80 -13.26
CA ASP A 124 -12.51 -20.10 -13.79
C ASP A 124 -11.16 -20.06 -14.50
N THR A 125 -10.85 -18.94 -15.14
CA THR A 125 -9.59 -18.83 -15.86
C THR A 125 -8.96 -17.45 -15.68
N GLY A 126 -7.70 -17.35 -16.08
CA GLY A 126 -7.02 -16.08 -15.99
C GLY A 126 -7.71 -15.05 -16.86
N GLU A 127 -8.11 -15.46 -18.06
CA GLU A 127 -8.81 -14.57 -18.97
C GLU A 127 -10.10 -14.06 -18.35
N GLN A 128 -10.85 -14.96 -17.72
CA GLN A 128 -12.13 -14.58 -17.11
C GLN A 128 -11.91 -13.58 -15.99
N ALA A 129 -10.85 -13.77 -15.21
CA ALA A 129 -10.53 -12.87 -14.12
C ALA A 129 -10.28 -11.47 -14.69
N LEU A 130 -9.42 -11.39 -15.70
CA LEU A 130 -9.08 -10.12 -16.32
C LEU A 130 -10.30 -9.44 -16.94
N GLU A 131 -11.20 -10.22 -17.53
CA GLU A 131 -12.40 -9.65 -18.13
C GLU A 131 -13.34 -9.12 -17.05
N ILE A 132 -13.44 -9.83 -15.93
CA ILE A 132 -14.30 -9.38 -14.83
C ILE A 132 -13.72 -8.07 -14.31
N CYS A 133 -12.39 -8.00 -14.21
CA CYS A 133 -11.71 -6.79 -13.74
C CYS A 133 -12.05 -5.59 -14.62
N ASP A 134 -12.00 -5.80 -15.94
CA ASP A 134 -12.29 -4.75 -16.91
C ASP A 134 -13.74 -4.27 -16.80
N ALA A 135 -14.65 -5.22 -16.63
CA ALA A 135 -16.07 -4.90 -16.51
C ALA A 135 -16.29 -4.05 -15.28
N LEU A 136 -15.69 -4.44 -14.16
CA LEU A 136 -15.85 -3.67 -12.93
C LEU A 136 -15.21 -2.29 -13.10
N ALA A 137 -14.11 -2.25 -13.85
CA ALA A 137 -13.41 -0.98 -14.08
C ALA A 137 -14.31 -0.04 -14.91
N ARG A 138 -14.81 -0.55 -16.05
CA ARG A 138 -15.67 0.25 -16.92
C ARG A 138 -17.01 0.68 -16.32
N SER A 139 -17.40 0.08 -15.20
CA SER A 139 -18.68 0.43 -14.59
C SER A 139 -18.69 1.80 -13.93
N GLY A 140 -17.52 2.30 -13.56
CA GLY A 140 -17.46 3.59 -12.91
C GLY A 140 -18.13 3.52 -11.55
N ALA A 141 -18.38 2.31 -11.06
CA ALA A 141 -19.02 2.14 -9.76
C ALA A 141 -18.21 1.33 -8.76
N VAL A 142 -16.95 1.02 -9.10
CA VAL A 142 -16.07 0.27 -8.21
C VAL A 142 -14.80 1.07 -7.96
N ASP A 143 -14.48 1.29 -6.69
CA ASP A 143 -13.30 2.08 -6.34
C ASP A 143 -11.99 1.31 -6.19
N VAL A 144 -12.05 0.12 -5.60
CA VAL A 144 -10.86 -0.70 -5.38
C VAL A 144 -11.06 -2.17 -5.75
N ILE A 145 -10.11 -2.69 -6.51
CA ILE A 145 -10.13 -4.07 -6.96
C ILE A 145 -8.82 -4.74 -6.56
N VAL A 146 -8.91 -5.82 -5.78
CA VAL A 146 -7.73 -6.55 -5.38
C VAL A 146 -7.74 -7.92 -6.04
N VAL A 147 -6.63 -8.28 -6.68
CA VAL A 147 -6.53 -9.58 -7.33
C VAL A 147 -5.52 -10.45 -6.60
N ASP A 148 -5.99 -11.57 -6.05
CA ASP A 148 -5.12 -12.49 -5.31
C ASP A 148 -5.25 -13.91 -5.85
N SER A 149 -4.25 -14.39 -6.59
CA SER A 149 -3.05 -13.64 -6.93
C SER A 149 -2.75 -13.80 -8.42
N VAL A 150 -1.73 -13.10 -8.90
CA VAL A 150 -1.34 -13.17 -10.31
C VAL A 150 -0.81 -14.56 -10.62
N ALA A 151 0.02 -15.07 -9.72
CA ALA A 151 0.63 -16.39 -9.85
C ALA A 151 -0.37 -17.52 -10.02
N ALA A 152 -1.61 -17.29 -9.59
CA ALA A 152 -2.65 -18.30 -9.67
C ALA A 152 -3.59 -18.12 -10.86
N LEU A 153 -3.28 -17.14 -11.72
CA LEU A 153 -4.10 -16.87 -12.89
C LEU A 153 -3.74 -17.76 -14.08
N THR A 154 -4.11 -19.03 -13.97
CA THR A 154 -3.84 -20.02 -15.00
C THR A 154 -4.62 -19.75 -16.29
N PRO A 155 -3.93 -19.66 -17.43
CA PRO A 155 -4.59 -19.41 -18.72
C PRO A 155 -5.53 -20.56 -19.05
N LYS A 156 -6.65 -20.26 -19.71
CA LYS A 156 -7.64 -21.27 -20.07
C LYS A 156 -7.01 -22.51 -20.72
N ALA A 157 -6.21 -22.30 -21.76
CA ALA A 157 -5.56 -23.41 -22.47
C ALA A 157 -4.79 -24.32 -21.53
N GLU A 158 -4.03 -23.72 -20.62
CA GLU A 158 -3.23 -24.48 -19.66
C GLU A 158 -4.12 -25.30 -18.74
N ILE A 159 -5.37 -24.89 -18.61
CA ILE A 159 -6.31 -25.59 -17.76
C ILE A 159 -6.97 -26.76 -18.49
N GLU A 160 -7.17 -26.59 -19.79
CA GLU A 160 -7.80 -27.63 -20.60
C GLU A 160 -6.77 -28.37 -21.45
N ALA A 171 0.03 -17.49 -20.41
CA ALA A 171 0.60 -17.04 -19.14
C ALA A 171 1.14 -15.63 -19.28
N ALA A 172 2.41 -15.53 -19.66
CA ALA A 172 3.03 -14.23 -19.84
C ALA A 172 2.31 -13.49 -20.96
N ARG A 173 1.91 -14.23 -21.99
CA ARG A 173 1.20 -13.66 -23.14
C ARG A 173 -0.17 -13.15 -22.72
N MET A 174 -0.85 -13.93 -21.87
CA MET A 174 -2.18 -13.57 -21.38
C MET A 174 -2.21 -12.19 -20.74
N MET A 175 -1.21 -11.91 -19.92
CA MET A 175 -1.12 -10.62 -19.23
C MET A 175 -0.95 -9.42 -20.16
N SER A 176 -0.13 -9.56 -21.19
CA SER A 176 0.10 -8.46 -22.13
C SER A 176 -1.14 -8.14 -22.94
N GLN A 177 -1.99 -9.15 -23.11
CA GLN A 177 -3.21 -9.01 -23.88
C GLN A 177 -4.10 -7.84 -23.45
N ALA A 178 -4.86 -8.05 -22.37
CA ALA A 178 -5.79 -7.05 -21.88
C ALA A 178 -5.25 -6.09 -20.81
N MET A 179 -3.94 -6.06 -20.61
CA MET A 179 -3.37 -5.18 -19.60
C MET A 179 -3.51 -3.72 -20.03
N ARG A 180 -3.30 -3.45 -21.32
CA ARG A 180 -3.40 -2.09 -21.82
C ARG A 180 -4.83 -1.57 -21.75
N LYS A 181 -5.80 -2.42 -22.08
CA LYS A 181 -7.20 -2.04 -22.05
C LYS A 181 -7.67 -1.83 -20.61
N LEU A 182 -7.27 -2.75 -19.73
CA LEU A 182 -7.64 -2.67 -18.32
C LEU A 182 -7.13 -1.36 -17.72
N ALA A 183 -5.86 -1.04 -17.98
CA ALA A 183 -5.25 0.18 -17.46
C ALA A 183 -6.01 1.41 -17.91
N GLY A 184 -6.40 1.43 -19.18
CA GLY A 184 -7.14 2.56 -19.70
C GLY A 184 -8.45 2.77 -18.98
N ASN A 185 -9.22 1.70 -18.82
CA ASN A 185 -10.52 1.81 -18.15
C ASN A 185 -10.41 2.12 -16.67
N LEU A 186 -9.37 1.60 -16.02
CA LEU A 186 -9.17 1.86 -14.59
C LEU A 186 -8.90 3.36 -14.41
N LYS A 187 -8.01 3.88 -15.25
CA LYS A 187 -7.65 5.29 -15.20
C LYS A 187 -8.89 6.17 -15.40
N GLN A 188 -9.68 5.86 -16.43
CA GLN A 188 -10.88 6.63 -16.72
C GLN A 188 -11.90 6.64 -15.59
N SER A 189 -12.01 5.55 -14.86
CA SER A 189 -12.98 5.47 -13.77
C SER A 189 -12.36 5.82 -12.43
N ASN A 190 -11.04 6.02 -12.43
CA ASN A 190 -10.33 6.35 -11.20
C ASN A 190 -10.42 5.16 -10.22
N THR A 191 -10.30 3.96 -10.77
CA THR A 191 -10.37 2.75 -9.97
C THR A 191 -8.98 2.23 -9.65
N LEU A 192 -8.72 1.99 -8.37
CA LEU A 192 -7.44 1.45 -7.95
C LEU A 192 -7.47 -0.07 -8.10
N LEU A 193 -6.46 -0.63 -8.75
CA LEU A 193 -6.39 -2.07 -8.89
C LEU A 193 -5.03 -2.58 -8.40
N ILE A 194 -5.07 -3.53 -7.47
CA ILE A 194 -3.88 -4.12 -6.89
C ILE A 194 -3.72 -5.60 -7.27
N PHE A 195 -2.56 -5.96 -7.81
CA PHE A 195 -2.27 -7.34 -8.17
C PHE A 195 -1.32 -7.87 -7.11
N ILE A 196 -1.70 -8.96 -6.45
CA ILE A 196 -0.83 -9.57 -5.46
C ILE A 196 -0.05 -10.62 -6.25
N ASN A 197 1.25 -10.72 -6.00
CA ASN A 197 2.07 -11.68 -6.72
C ASN A 197 2.99 -12.40 -5.74
N GLN A 198 3.05 -13.72 -5.84
CA GLN A 198 3.90 -14.47 -4.93
C GLN A 198 5.23 -14.85 -5.58
N ILE A 199 6.33 -14.59 -4.88
CA ILE A 199 7.66 -14.92 -5.37
C ILE A 199 7.92 -16.40 -5.07
N GLY A 216 4.44 -11.93 -18.71
CA GLY A 216 5.81 -11.90 -18.22
C GLY A 216 6.01 -10.68 -17.36
N ASN A 217 6.39 -9.57 -17.99
CA ASN A 217 6.61 -8.33 -17.26
C ASN A 217 5.77 -7.19 -17.83
N ALA A 218 4.52 -7.50 -18.17
CA ALA A 218 3.61 -6.49 -18.70
C ALA A 218 3.12 -5.71 -17.48
N LEU A 219 3.01 -6.43 -16.35
CA LEU A 219 2.56 -5.83 -15.10
C LEU A 219 3.65 -4.87 -14.61
N LYS A 220 4.90 -5.31 -14.76
CA LYS A 220 6.05 -4.53 -14.35
C LYS A 220 6.08 -3.14 -14.98
N PHE A 221 5.61 -3.04 -16.23
CA PHE A 221 5.60 -1.76 -16.93
C PHE A 221 4.32 -0.95 -16.79
N TYR A 222 3.18 -1.63 -16.70
CA TYR A 222 1.91 -0.92 -16.55
C TYR A 222 1.62 -0.43 -15.12
N ALA A 223 2.25 -1.05 -14.12
CA ALA A 223 2.02 -0.65 -12.74
C ALA A 223 2.66 0.72 -12.45
N SER A 224 1.96 1.54 -11.67
CA SER A 224 2.46 2.85 -11.29
C SER A 224 3.23 2.74 -9.97
N VAL A 225 2.96 1.68 -9.22
CA VAL A 225 3.63 1.43 -7.95
C VAL A 225 3.86 -0.08 -7.82
N ARG A 226 5.06 -0.46 -7.43
CA ARG A 226 5.37 -1.87 -7.23
C ARG A 226 6.01 -1.95 -5.86
N LEU A 227 5.47 -2.82 -5.00
CA LEU A 227 5.96 -2.98 -3.65
C LEU A 227 6.58 -4.35 -3.41
N ASP A 228 7.77 -4.35 -2.84
CA ASP A 228 8.48 -5.58 -2.51
C ASP A 228 8.34 -5.74 -1.00
N ILE A 229 7.69 -6.82 -0.56
CA ILE A 229 7.47 -7.03 0.86
C ILE A 229 8.01 -8.38 1.37
N ARG A 230 8.59 -8.37 2.57
CA ARG A 230 9.11 -9.58 3.16
C ARG A 230 9.23 -9.54 4.68
N ARG A 231 9.26 -10.73 5.26
CA ARG A 231 9.39 -10.93 6.70
C ARG A 231 10.89 -10.89 7.01
N ILE A 232 11.29 -10.00 7.89
CA ILE A 232 12.70 -9.89 8.24
C ILE A 232 12.99 -10.27 9.69
N GLY A 233 12.02 -10.89 10.34
CA GLY A 233 12.22 -11.28 11.72
C GLY A 233 10.93 -11.64 12.42
N ALA A 234 11.04 -11.97 13.70
CA ALA A 234 9.87 -12.34 14.48
C ALA A 234 9.66 -11.39 15.66
N VAL A 235 8.41 -11.22 16.04
CA VAL A 235 8.09 -10.36 17.17
C VAL A 235 7.80 -11.29 18.34
N LYS A 236 8.57 -11.13 19.42
CA LYS A 236 8.40 -11.99 20.59
C LYS A 236 7.95 -11.24 21.83
N GLU A 237 6.86 -11.71 22.44
CA GLU A 237 6.36 -11.12 23.67
C GLU A 237 6.90 -12.03 24.76
N GLY A 238 8.23 -11.98 24.94
CA GLY A 238 8.88 -12.82 25.91
C GLY A 238 9.65 -13.86 25.12
N GLU A 239 9.01 -15.00 24.85
CA GLU A 239 9.64 -16.06 24.08
C GLU A 239 8.66 -16.66 23.09
N ASN A 240 7.44 -16.13 23.09
CA ASN A 240 6.40 -16.60 22.18
C ASN A 240 6.34 -15.69 20.95
N VAL A 241 6.35 -16.30 19.77
CA VAL A 241 6.27 -15.54 18.53
C VAL A 241 4.84 -15.03 18.36
N VAL A 242 4.67 -13.71 18.34
CA VAL A 242 3.34 -13.12 18.22
C VAL A 242 3.13 -12.32 16.94
N GLY A 243 4.22 -12.01 16.24
CA GLY A 243 4.11 -11.25 15.02
C GLY A 243 5.32 -11.34 14.13
N SER A 244 5.33 -10.55 13.06
CA SER A 244 6.43 -10.56 12.12
C SER A 244 6.99 -9.16 11.92
N GLU A 245 8.31 -9.06 11.86
CA GLU A 245 8.98 -7.79 11.61
C GLU A 245 8.90 -7.73 10.08
N THR A 246 8.32 -6.67 9.55
CA THR A 246 8.13 -6.56 8.12
C THR A 246 8.79 -5.37 7.45
N ARG A 247 9.23 -5.56 6.21
CA ARG A 247 9.85 -4.47 5.45
C ARG A 247 9.30 -4.41 4.03
N VAL A 248 8.88 -3.22 3.63
CA VAL A 248 8.37 -3.01 2.29
C VAL A 248 9.25 -2.00 1.60
N LYS A 249 9.59 -2.26 0.34
CA LYS A 249 10.41 -1.35 -0.45
C LYS A 249 9.57 -0.93 -1.64
N VAL A 250 9.53 0.36 -1.91
CA VAL A 250 8.77 0.84 -3.06
C VAL A 250 9.74 0.82 -4.25
N VAL A 251 9.90 -0.34 -4.88
CA VAL A 251 10.84 -0.46 -6.00
C VAL A 251 10.44 0.32 -7.25
N LYS A 252 9.16 0.64 -7.39
CA LYS A 252 8.70 1.44 -8.53
C LYS A 252 7.65 2.43 -8.03
N ASN A 253 7.82 3.70 -8.38
CA ASN A 253 6.88 4.72 -7.95
C ASN A 253 6.78 5.84 -8.97
N LYS A 254 5.69 5.85 -9.72
CA LYS A 254 5.46 6.86 -10.75
C LYS A 254 4.68 8.08 -10.27
N ILE A 255 4.41 8.16 -8.96
CA ILE A 255 3.67 9.30 -8.42
C ILE A 255 4.57 10.15 -7.49
N ALA A 256 5.67 9.57 -7.07
CA ALA A 256 6.64 10.24 -6.21
C ALA A 256 7.94 9.43 -6.25
N ALA A 257 9.01 10.01 -5.71
CA ALA A 257 10.31 9.37 -5.72
C ALA A 257 10.26 7.93 -5.23
N PRO A 258 10.83 7.00 -6.01
CA PRO A 258 10.85 5.58 -5.64
C PRO A 258 11.99 5.22 -4.70
N PHE A 259 12.06 3.95 -4.33
CA PHE A 259 13.11 3.39 -3.48
C PHE A 259 13.10 3.67 -2.00
N LYS A 260 12.05 4.30 -1.48
CA LYS A 260 12.00 4.53 -0.04
C LYS A 260 11.56 3.21 0.59
N GLN A 261 11.73 3.09 1.91
CA GLN A 261 11.35 1.86 2.59
C GLN A 261 10.46 2.11 3.79
N ALA A 262 9.79 1.05 4.22
CA ALA A 262 8.92 1.10 5.37
C ALA A 262 9.16 -0.14 6.19
N GLU A 263 9.15 0.03 7.50
CA GLU A 263 9.37 -1.07 8.42
C GLU A 263 8.26 -1.00 9.48
N PHE A 264 7.62 -2.13 9.74
CA PHE A 264 6.55 -2.17 10.72
C PHE A 264 6.29 -3.61 11.11
N GLN A 265 5.50 -3.83 12.15
CA GLN A 265 5.20 -5.18 12.57
C GLN A 265 3.78 -5.58 12.20
N ILE A 266 3.58 -6.88 12.00
CA ILE A 266 2.26 -7.41 11.71
C ILE A 266 1.98 -8.39 12.83
N LEU A 267 1.07 -8.02 13.72
CA LEU A 267 0.73 -8.87 14.85
C LEU A 267 -0.32 -9.89 14.46
N TYR A 268 -0.09 -11.12 14.89
CA TYR A 268 -0.99 -12.23 14.60
C TYR A 268 -2.40 -11.93 15.04
N GLY A 269 -3.33 -12.05 14.09
CA GLY A 269 -4.74 -11.79 14.40
C GLY A 269 -5.09 -10.33 14.59
N GLU A 270 -4.14 -9.43 14.38
CA GLU A 270 -4.42 -8.01 14.55
C GLU A 270 -4.03 -7.13 13.36
N GLY A 271 -3.06 -7.59 12.58
CA GLY A 271 -2.64 -6.81 11.44
C GLY A 271 -1.49 -5.87 11.78
N ILE A 272 -1.32 -4.85 10.94
CA ILE A 272 -0.25 -3.88 11.09
C ILE A 272 -0.29 -3.08 12.38
N ASN A 273 0.84 -3.07 13.10
CA ASN A 273 0.98 -2.34 14.35
C ASN A 273 1.18 -0.85 14.04
N PHE A 274 0.09 -0.20 13.64
CA PHE A 274 0.10 1.22 13.29
C PHE A 274 0.61 2.12 14.42
N TYR A 275 0.15 1.88 15.64
CA TYR A 275 0.55 2.70 16.78
C TYR A 275 2.03 2.59 17.11
N GLY A 276 2.60 1.41 16.88
CA GLY A 276 4.01 1.22 17.13
C GLY A 276 4.82 2.06 16.14
N GLU A 277 4.29 2.23 14.92
CA GLU A 277 4.96 3.05 13.92
C GLU A 277 4.83 4.51 14.34
N LEU A 278 3.69 4.84 14.92
CA LEU A 278 3.41 6.21 15.35
C LEU A 278 4.36 6.62 16.48
N VAL A 279 4.70 5.67 17.34
CA VAL A 279 5.62 5.95 18.43
C VAL A 279 6.98 6.33 17.87
N ASP A 280 7.51 5.51 16.97
CA ASP A 280 8.81 5.79 16.37
C ASP A 280 8.84 7.04 15.51
N LEU A 281 7.82 7.21 14.66
CA LEU A 281 7.77 8.38 13.80
C LEU A 281 7.56 9.66 14.59
N GLY A 282 6.83 9.56 15.70
CA GLY A 282 6.58 10.72 16.54
C GLY A 282 7.90 11.17 17.16
N VAL A 283 8.65 10.20 17.68
CA VAL A 283 9.94 10.48 18.29
C VAL A 283 10.88 11.07 17.23
N LYS A 284 11.10 10.33 16.15
CA LYS A 284 11.97 10.78 15.08
C LYS A 284 11.67 12.23 14.72
N GLU A 285 10.39 12.57 14.60
CA GLU A 285 9.98 13.92 14.24
C GLU A 285 9.98 14.88 15.44
N LYS A 286 10.50 14.42 16.57
CA LYS A 286 10.57 15.24 17.78
C LYS A 286 9.22 15.73 18.26
N LEU A 287 8.20 14.87 18.15
CA LEU A 287 6.86 15.23 18.62
C LEU A 287 6.66 14.45 19.91
N ILE A 288 7.38 13.35 20.02
CA ILE A 288 7.34 12.50 21.20
C ILE A 288 8.76 12.36 21.71
N GLU A 289 8.97 12.66 22.99
CA GLU A 289 10.30 12.58 23.57
C GLU A 289 10.60 11.21 24.16
N LYS A 290 11.83 10.75 23.97
CA LYS A 290 12.27 9.45 24.47
C LYS A 290 13.49 9.62 25.35
N ALA A 291 13.36 9.23 26.62
CA ALA A 291 14.47 9.33 27.57
C ALA A 291 14.76 7.92 28.10
N GLY A 292 15.55 7.16 27.36
CA GLY A 292 15.90 5.82 27.77
C GLY A 292 14.84 4.84 27.32
N ALA A 293 13.93 4.50 28.23
CA ALA A 293 12.84 3.57 27.93
C ALA A 293 11.49 4.27 28.09
N TRP A 294 11.52 5.44 28.74
CA TRP A 294 10.29 6.20 28.95
C TRP A 294 9.99 7.18 27.83
N TYR A 295 8.74 7.11 27.35
CA TYR A 295 8.30 8.01 26.30
C TYR A 295 7.31 9.00 26.89
N SER A 296 7.30 10.21 26.37
CA SER A 296 6.40 11.24 26.86
C SER A 296 6.00 12.20 25.74
N TYR A 297 4.80 12.75 25.88
CA TYR A 297 4.26 13.68 24.91
C TYR A 297 3.76 14.91 25.65
N LYS A 298 4.20 16.08 25.18
CA LYS A 298 3.81 17.34 25.79
C LYS A 298 4.10 17.37 27.29
N GLY A 299 5.20 16.72 27.69
CA GLY A 299 5.59 16.73 29.08
C GLY A 299 5.20 15.52 29.92
N GLU A 300 4.10 14.86 29.58
CA GLU A 300 3.64 13.72 30.36
C GLU A 300 3.99 12.36 29.77
N LYS A 301 4.55 11.50 30.62
CA LYS A 301 4.93 10.15 30.20
C LYS A 301 3.72 9.40 29.67
N ILE A 302 3.92 8.66 28.58
CA ILE A 302 2.83 7.88 28.00
C ILE A 302 3.15 6.39 28.10
N GLY A 303 4.30 6.06 28.69
CA GLY A 303 4.66 4.67 28.84
C GLY A 303 6.15 4.36 28.86
N GLN A 304 6.50 3.32 29.60
CA GLN A 304 7.90 2.89 29.70
C GLN A 304 8.04 1.70 28.76
N GLY A 305 8.87 1.85 27.74
CA GLY A 305 9.05 0.78 26.77
C GLY A 305 8.14 1.03 25.60
N LYS A 306 8.65 0.80 24.40
CA LYS A 306 7.89 1.01 23.17
C LYS A 306 6.50 0.35 23.21
N ALA A 307 6.38 -0.76 23.91
CA ALA A 307 5.12 -1.48 24.01
C ALA A 307 4.03 -0.71 24.76
N ASN A 308 4.37 -0.13 25.90
CA ASN A 308 3.39 0.62 26.69
C ASN A 308 3.03 1.93 26.03
N ALA A 309 4.03 2.61 25.46
CA ALA A 309 3.79 3.87 24.78
C ALA A 309 2.83 3.65 23.61
N THR A 310 2.92 2.47 22.99
CA THR A 310 2.06 2.13 21.87
C THR A 310 0.65 1.91 22.39
N ALA A 311 0.55 1.18 23.49
CA ALA A 311 -0.75 0.91 24.11
C ALA A 311 -1.46 2.21 24.47
N TRP A 312 -0.69 3.18 24.94
CA TRP A 312 -1.26 4.47 25.32
C TRP A 312 -1.84 5.21 24.13
N LEU A 313 -1.11 5.26 23.02
CA LEU A 313 -1.60 5.93 21.83
C LEU A 313 -2.89 5.26 21.36
N LYS A 314 -2.91 3.93 21.45
CA LYS A 314 -4.06 3.15 21.03
C LYS A 314 -5.32 3.39 21.87
N ASP A 315 -5.14 3.69 23.15
CA ASP A 315 -6.29 3.93 24.02
C ASP A 315 -6.70 5.39 24.01
N ASN A 316 -5.87 6.23 23.41
CA ASN A 316 -6.14 7.65 23.32
C ASN A 316 -6.09 8.06 21.86
N PRO A 317 -6.94 7.44 21.03
CA PRO A 317 -7.01 7.71 19.59
C PRO A 317 -7.12 9.17 19.18
N GLU A 318 -7.82 9.98 19.95
CA GLU A 318 -7.98 11.39 19.60
C GLU A 318 -6.63 12.11 19.60
N THR A 319 -5.76 11.79 20.55
CA THR A 319 -4.43 12.39 20.61
C THR A 319 -3.55 11.72 19.55
N ALA A 320 -3.76 10.43 19.32
CA ALA A 320 -3.00 9.71 18.32
C ALA A 320 -3.24 10.32 16.94
N LYS A 321 -4.49 10.65 16.64
CA LYS A 321 -4.83 11.23 15.35
C LYS A 321 -4.10 12.55 15.15
N GLU A 322 -4.01 13.34 16.21
CA GLU A 322 -3.34 14.62 16.11
C GLU A 322 -1.87 14.41 15.80
N ILE A 323 -1.23 13.50 16.53
CA ILE A 323 0.18 13.22 16.29
C ILE A 323 0.37 12.68 14.88
N GLU A 324 -0.55 11.82 14.44
CA GLU A 324 -0.45 11.24 13.11
C GLU A 324 -0.55 12.35 12.07
N LYS A 325 -1.52 13.24 12.26
CA LYS A 325 -1.73 14.35 11.33
C LYS A 325 -0.48 15.21 11.28
N LYS A 326 0.14 15.41 12.45
CA LYS A 326 1.34 16.21 12.52
C LYS A 326 2.46 15.57 11.72
N VAL A 327 2.65 14.27 11.88
CA VAL A 327 3.70 13.57 11.17
C VAL A 327 3.47 13.67 9.66
N ARG A 328 2.23 13.45 9.22
CA ARG A 328 1.93 13.54 7.79
C ARG A 328 2.25 14.92 7.25
N GLU A 329 1.85 15.96 7.96
CA GLU A 329 2.12 17.32 7.52
C GLU A 329 3.62 17.57 7.41
N LEU A 330 4.39 16.94 8.29
CA LEU A 330 5.83 17.11 8.30
C LEU A 330 6.58 16.30 7.24
N LEU A 331 6.08 15.10 6.93
CA LEU A 331 6.75 14.25 5.96
C LEU A 331 6.07 14.08 4.60
N LEU A 332 4.92 14.68 4.41
CA LEU A 332 4.20 14.56 3.14
C LEU A 332 3.95 15.89 2.45
#